data_2KQE
#
_entry.id   2KQE
#
_cell.length_a   1.000
_cell.length_b   1.000
_cell.length_c   1.000
_cell.angle_alpha   90.00
_cell.angle_beta   90.00
_cell.angle_gamma   90.00
#
_symmetry.space_group_name_H-M   'P 1'
#
loop_
_entity.id
_entity.type
_entity.pdbx_description
1 polymer 'Aprataxin and PNK-like factor'
2 non-polymer 'ZINC ION'
3 non-polymer ADENOSINE
4 non-polymer alpha-D-ribofuranose
#
_entity_poly.entity_id   1
_entity_poly.type   'polypeptide(L)'
_entity_poly.pdbx_seq_one_letter_code
;GPLGSGSEGNKVKRTSCMYGANCYRKNPVHFQHFSHPGDSDYGGVQIVGQDETDDRPECPYGPSCYRKNPQHKIEYRHNT
LPVRNVLDE
;
_entity_poly.pdbx_strand_id   A
#
# COMPACT_ATOMS: atom_id res chain seq x y z
N GLY A 43 12.99 18.98 -0.80
CA GLY A 43 12.69 17.80 -1.67
C GLY A 43 12.13 16.66 -0.81
N GLY A 44 12.55 15.44 -1.06
CA GLY A 44 12.04 14.29 -0.26
C GLY A 44 11.80 13.09 -1.18
N VAL A 45 12.79 12.25 -1.37
CA VAL A 45 12.62 11.06 -2.26
C VAL A 45 12.74 9.77 -1.42
N GLN A 46 11.94 9.63 -0.38
CA GLN A 46 12.01 8.41 0.47
C GLN A 46 10.67 7.66 0.44
N ILE A 47 10.55 6.56 1.16
CA ILE A 47 9.26 5.81 1.17
C ILE A 47 8.66 5.82 2.58
N VAL A 48 8.38 6.98 3.14
CA VAL A 48 7.80 7.04 4.51
C VAL A 48 6.26 7.06 4.43
N GLY A 49 5.64 6.03 3.88
CA GLY A 49 4.15 6.00 3.78
C GLY A 49 3.75 5.40 2.42
N GLN A 50 4.42 5.75 1.35
CA GLN A 50 4.08 5.22 -0.02
C GLN A 50 2.74 5.82 -0.48
N ASP A 51 1.64 5.50 0.18
CA ASP A 51 0.32 6.06 -0.22
C ASP A 51 -0.78 5.71 0.80
N GLU A 52 -0.51 5.86 2.08
CA GLU A 52 -1.55 5.54 3.12
C GLU A 52 -2.11 4.12 2.91
N THR A 53 -1.26 3.11 2.95
CA THR A 53 -1.76 1.71 2.75
C THR A 53 -1.68 0.91 4.07
N ASP A 54 -2.45 1.30 5.07
CA ASP A 54 -2.41 0.56 6.37
C ASP A 54 -3.53 -0.51 6.43
N ASP A 55 -4.63 -0.32 5.74
CA ASP A 55 -5.72 -1.33 5.77
C ASP A 55 -5.90 -1.93 4.37
N ARG A 56 -4.85 -2.43 3.76
CA ARG A 56 -4.99 -3.01 2.39
C ARG A 56 -4.51 -4.48 2.37
N PRO A 57 -5.19 -5.31 1.59
CA PRO A 57 -4.82 -6.74 1.48
C PRO A 57 -3.57 -6.95 0.59
N GLU A 58 -3.70 -7.11 -0.72
CA GLU A 58 -2.48 -7.30 -1.60
C GLU A 58 -2.91 -7.60 -3.07
N CYS A 59 -2.77 -6.63 -3.96
CA CYS A 59 -3.16 -6.89 -5.40
C CYS A 59 -2.39 -8.10 -5.96
N PRO A 60 -3.06 -8.95 -6.71
CA PRO A 60 -2.37 -10.12 -7.30
C PRO A 60 -1.36 -9.67 -8.36
N TYR A 61 -1.67 -8.65 -9.14
CA TYR A 61 -0.69 -8.16 -10.18
C TYR A 61 0.63 -7.73 -9.50
N GLY A 62 0.55 -6.91 -8.47
CA GLY A 62 1.81 -6.47 -7.77
C GLY A 62 2.43 -5.25 -8.48
N PRO A 63 3.74 -5.27 -8.66
CA PRO A 63 4.43 -4.13 -9.32
C PRO A 63 4.03 -4.03 -10.80
N SER A 64 3.79 -5.14 -11.48
CA SER A 64 3.40 -5.08 -12.93
C SER A 64 1.88 -4.93 -13.07
N CYS A 65 1.28 -3.98 -12.38
CA CYS A 65 -0.21 -3.80 -12.47
C CYS A 65 -0.57 -2.78 -13.56
N TYR A 66 -0.98 -3.24 -14.72
CA TYR A 66 -1.35 -2.31 -15.86
C TYR A 66 -2.76 -1.66 -15.67
N ARG A 67 -3.51 -1.97 -14.61
CA ARG A 67 -4.86 -1.32 -14.46
C ARG A 67 -4.79 -0.13 -13.49
N LYS A 68 -5.48 0.94 -13.80
CA LYS A 68 -5.45 2.13 -12.91
C LYS A 68 -6.87 2.61 -12.60
N ASN A 69 -7.56 1.97 -11.67
CA ASN A 69 -8.95 2.41 -11.33
C ASN A 69 -8.94 3.16 -9.99
N PRO A 70 -10.02 3.84 -9.69
CA PRO A 70 -10.09 4.58 -8.42
C PRO A 70 -10.21 3.61 -7.23
N GLN A 71 -11.13 2.67 -7.28
CA GLN A 71 -11.28 1.71 -6.15
C GLN A 71 -10.16 0.64 -6.14
N HIS A 72 -9.45 0.43 -7.24
CA HIS A 72 -8.36 -0.63 -7.23
C HIS A 72 -7.15 -0.19 -6.39
N LYS A 73 -6.85 1.09 -6.32
CA LYS A 73 -5.68 1.53 -5.45
C LYS A 73 -6.11 1.53 -3.96
N ILE A 74 -7.40 1.58 -3.68
CA ILE A 74 -7.86 1.55 -2.25
C ILE A 74 -8.24 0.10 -1.84
N GLU A 75 -8.73 -0.71 -2.75
CA GLU A 75 -9.11 -2.12 -2.34
C GLU A 75 -7.86 -2.99 -2.13
N TYR A 76 -6.86 -2.91 -3.00
CA TYR A 76 -5.64 -3.75 -2.82
C TYR A 76 -4.37 -2.88 -2.73
N ARG A 77 -3.25 -3.46 -2.33
CA ARG A 77 -1.98 -2.69 -2.26
C ARG A 77 -0.94 -3.36 -3.16
N HIS A 78 0.05 -2.63 -3.65
CA HIS A 78 1.05 -3.28 -4.57
C HIS A 78 2.43 -3.48 -3.90
N ASN A 79 2.71 -2.86 -2.78
CA ASN A 79 4.05 -3.05 -2.14
C ASN A 79 3.86 -3.46 -0.66
N THR A 80 4.43 -4.57 -0.26
CA THR A 80 4.27 -5.03 1.16
C THR A 80 5.54 -4.73 1.96
N LEU A 81 6.01 -3.49 1.94
CA LEU A 81 7.24 -3.15 2.72
C LEU A 81 6.89 -2.78 4.18
N PRO A 82 7.82 -3.02 5.09
CA PRO A 82 7.57 -2.70 6.52
C PRO A 82 7.63 -1.19 6.76
N VAL A 83 6.56 -0.61 7.29
CA VAL A 83 6.56 0.86 7.54
C VAL A 83 5.93 1.16 8.92
N ARG A 84 6.37 0.46 9.95
CA ARG A 84 5.80 0.69 11.33
C ARG A 84 6.46 -0.23 12.37
N ASN A 85 6.64 -1.50 12.07
CA ASN A 85 7.27 -2.42 13.08
C ASN A 85 8.68 -2.82 12.59
N VAL A 86 9.67 -1.97 12.81
CA VAL A 86 11.06 -2.32 12.36
C VAL A 86 12.05 -2.12 13.52
N LEU A 87 11.66 -2.44 14.74
CA LEU A 87 12.58 -2.27 15.91
C LEU A 87 11.89 -2.71 17.21
N ASP A 88 10.70 -2.22 17.45
CA ASP A 88 9.94 -2.61 18.68
C ASP A 88 10.79 -2.36 19.94
N GLU A 89 10.62 -1.22 20.59
CA GLU A 89 11.43 -0.93 21.82
C GLU A 89 10.50 -0.59 22.99
N GLY A 43 1.90 -9.11 18.58
CA GLY A 43 0.57 -8.82 19.18
C GLY A 43 -0.17 -10.14 19.43
N GLY A 44 -1.44 -10.08 19.79
CA GLY A 44 -2.21 -11.33 20.04
C GLY A 44 -2.66 -11.93 18.70
N VAL A 45 -3.96 -11.94 18.44
CA VAL A 45 -4.45 -12.52 17.15
C VAL A 45 -5.56 -11.63 16.57
N GLN A 46 -5.27 -10.39 16.24
CA GLN A 46 -6.32 -9.50 15.68
C GLN A 46 -5.74 -8.62 14.57
N ILE A 47 -6.51 -7.68 14.03
CA ILE A 47 -5.97 -6.80 12.95
C ILE A 47 -6.27 -5.32 13.27
N VAL A 48 -5.87 -4.85 14.42
CA VAL A 48 -6.12 -3.42 14.77
C VAL A 48 -4.80 -2.64 14.60
N GLY A 49 -4.32 -2.54 13.38
CA GLY A 49 -3.04 -1.83 13.15
C GLY A 49 -2.03 -2.86 12.59
N GLN A 50 -2.33 -3.43 11.44
CA GLN A 50 -1.38 -4.45 10.86
C GLN A 50 -0.12 -3.73 10.36
N ASP A 51 -0.26 -2.83 9.40
CA ASP A 51 0.93 -2.10 8.88
C ASP A 51 0.56 -0.70 8.34
N GLU A 52 -0.43 -0.04 8.93
CA GLU A 52 -0.83 1.32 8.44
C GLU A 52 -1.00 1.36 6.92
N THR A 53 -1.85 0.51 6.37
CA THR A 53 -2.07 0.52 4.88
C THR A 53 -3.56 0.70 4.55
N ASP A 54 -4.25 1.55 5.30
CA ASP A 54 -5.71 1.78 5.05
C ASP A 54 -6.55 0.48 5.07
N ASP A 55 -6.07 -0.60 5.69
CA ASP A 55 -6.83 -1.89 5.70
C ASP A 55 -6.79 -2.47 4.28
N ARG A 56 -5.62 -2.51 3.69
CA ARG A 56 -5.52 -3.05 2.31
C ARG A 56 -4.87 -4.46 2.32
N PRO A 57 -5.39 -5.36 1.49
CA PRO A 57 -4.85 -6.73 1.44
C PRO A 57 -3.56 -6.80 0.60
N GLU A 58 -3.63 -6.96 -0.72
CA GLU A 58 -2.38 -7.03 -1.57
C GLU A 58 -2.76 -7.38 -3.03
N CYS A 59 -2.67 -6.43 -3.96
CA CYS A 59 -3.05 -6.75 -5.39
C CYS A 59 -2.24 -7.95 -5.91
N PRO A 60 -2.91 -8.85 -6.62
CA PRO A 60 -2.21 -10.04 -7.17
C PRO A 60 -1.29 -9.63 -8.34
N TYR A 61 -1.67 -8.62 -9.12
CA TYR A 61 -0.78 -8.20 -10.27
C TYR A 61 0.61 -7.81 -9.74
N GLY A 62 0.69 -7.13 -8.61
CA GLY A 62 2.02 -6.74 -8.05
C GLY A 62 2.52 -5.42 -8.67
N PRO A 63 3.82 -5.32 -8.88
CA PRO A 63 4.41 -4.08 -9.45
C PRO A 63 3.99 -3.89 -10.92
N SER A 64 3.80 -4.96 -11.67
CA SER A 64 3.39 -4.81 -13.12
C SER A 64 1.86 -4.80 -13.22
N CYS A 65 1.20 -3.91 -12.51
CA CYS A 65 -0.30 -3.85 -12.57
C CYS A 65 -0.75 -2.93 -13.70
N TYR A 66 -1.12 -3.49 -14.83
CA TYR A 66 -1.60 -2.63 -16.00
C TYR A 66 -2.97 -1.93 -15.68
N ARG A 67 -3.63 -2.24 -14.58
CA ARG A 67 -4.92 -1.55 -14.28
C ARG A 67 -4.71 -0.47 -13.22
N LYS A 68 -5.35 0.67 -13.34
CA LYS A 68 -5.16 1.76 -12.34
C LYS A 68 -6.49 2.47 -12.09
N ASN A 69 -7.44 1.79 -11.46
CA ASN A 69 -8.76 2.45 -11.18
C ASN A 69 -8.70 3.14 -9.81
N PRO A 70 -9.66 4.00 -9.53
CA PRO A 70 -9.65 4.70 -8.23
C PRO A 70 -9.90 3.70 -7.09
N GLN A 71 -10.92 2.86 -7.19
CA GLN A 71 -11.18 1.88 -6.08
C GLN A 71 -10.14 0.73 -6.09
N HIS A 72 -9.43 0.50 -7.20
CA HIS A 72 -8.44 -0.64 -7.21
C HIS A 72 -7.22 -0.30 -6.31
N LYS A 73 -6.77 0.93 -6.29
CA LYS A 73 -5.59 1.27 -5.40
C LYS A 73 -6.03 1.26 -3.91
N ILE A 74 -7.32 1.38 -3.64
CA ILE A 74 -7.78 1.33 -2.20
C ILE A 74 -8.21 -0.12 -1.87
N GLU A 75 -8.84 -0.83 -2.80
CA GLU A 75 -9.24 -2.25 -2.49
C GLU A 75 -7.98 -3.09 -2.29
N TYR A 76 -6.98 -2.96 -3.15
CA TYR A 76 -5.72 -3.76 -2.98
C TYR A 76 -4.52 -2.81 -2.88
N ARG A 77 -3.38 -3.28 -2.41
CA ARG A 77 -2.18 -2.40 -2.35
C ARG A 77 -1.07 -3.04 -3.20
N HIS A 78 -0.15 -2.26 -3.73
CA HIS A 78 0.93 -2.87 -4.57
C HIS A 78 2.31 -2.89 -3.86
N ASN A 79 2.51 -2.13 -2.81
CA ASN A 79 3.83 -2.15 -2.13
C ASN A 79 3.65 -2.21 -0.60
N THR A 80 4.35 -3.09 0.06
CA THR A 80 4.24 -3.20 1.54
C THR A 80 5.50 -2.62 2.19
N LEU A 81 5.72 -1.34 2.04
CA LEU A 81 6.92 -0.70 2.65
C LEU A 81 6.50 0.26 3.78
N PRO A 82 7.44 0.56 4.67
CA PRO A 82 7.14 1.47 5.81
C PRO A 82 7.02 2.91 5.33
N VAL A 83 6.80 3.85 6.25
CA VAL A 83 6.68 5.28 5.84
C VAL A 83 7.62 6.13 6.72
N ARG A 84 8.87 5.73 6.83
CA ARG A 84 9.85 6.51 7.66
C ARG A 84 11.25 5.84 7.66
N ASN A 85 11.31 4.52 7.79
CA ASN A 85 12.65 3.85 7.79
C ASN A 85 12.95 3.28 6.39
N VAL A 86 13.53 4.07 5.52
CA VAL A 86 13.85 3.56 4.14
C VAL A 86 15.29 3.95 3.76
N LEU A 87 16.22 3.92 4.71
CA LEU A 87 17.64 4.28 4.40
C LEU A 87 18.52 4.11 5.65
N ASP A 88 18.12 4.69 6.75
CA ASP A 88 18.89 4.58 8.02
C ASP A 88 20.37 4.96 7.80
N GLU A 89 20.63 5.97 7.00
CA GLU A 89 22.05 6.39 6.75
C GLU A 89 22.15 7.90 6.59
N GLY A 43 6.33 -7.70 19.72
CA GLY A 43 5.96 -6.28 19.98
C GLY A 43 7.21 -5.47 20.33
N GLY A 44 8.04 -5.15 19.35
CA GLY A 44 9.28 -4.36 19.65
C GLY A 44 9.32 -3.11 18.76
N VAL A 45 10.14 -3.11 17.72
CA VAL A 45 10.22 -1.92 16.83
C VAL A 45 10.16 -2.37 15.35
N GLN A 46 9.05 -2.91 14.92
CA GLN A 46 8.94 -3.36 13.50
C GLN A 46 7.62 -2.87 12.88
N ILE A 47 7.28 -3.32 11.69
CA ILE A 47 6.00 -2.86 11.06
C ILE A 47 5.16 -4.08 10.65
N VAL A 48 4.69 -4.86 11.61
CA VAL A 48 3.83 -6.03 11.27
C VAL A 48 2.37 -5.69 11.60
N GLY A 49 1.79 -4.78 10.87
CA GLY A 49 0.39 -4.37 11.15
C GLY A 49 0.39 -2.87 11.48
N GLN A 50 0.80 -2.03 10.54
CA GLN A 50 0.82 -0.55 10.84
C GLN A 50 -0.57 -0.07 11.25
N ASP A 51 -1.64 -0.72 10.78
CA ASP A 51 -3.02 -0.27 11.13
C ASP A 51 -3.25 1.16 10.59
N GLU A 52 -2.68 1.49 9.44
CA GLU A 52 -2.88 2.86 8.88
C GLU A 52 -2.79 2.87 7.35
N THR A 53 -3.21 1.81 6.68
CA THR A 53 -3.17 1.78 5.19
C THR A 53 -4.56 1.40 4.63
N ASP A 54 -5.62 1.92 5.23
CA ASP A 54 -7.02 1.60 4.79
C ASP A 54 -7.38 0.09 4.88
N ASP A 55 -6.56 -0.74 5.53
CA ASP A 55 -6.85 -2.21 5.60
C ASP A 55 -6.66 -2.80 4.20
N ARG A 56 -5.59 -2.41 3.52
CA ARG A 56 -5.37 -2.95 2.14
C ARG A 56 -4.73 -4.36 2.22
N PRO A 57 -5.27 -5.29 1.45
CA PRO A 57 -4.73 -6.66 1.45
C PRO A 57 -3.46 -6.78 0.59
N GLU A 58 -3.57 -6.94 -0.73
CA GLU A 58 -2.33 -7.07 -1.60
C GLU A 58 -2.72 -7.40 -3.05
N CYS A 59 -2.69 -6.44 -3.96
CA CYS A 59 -3.09 -6.75 -5.40
C CYS A 59 -2.33 -7.99 -5.93
N PRO A 60 -3.02 -8.85 -6.64
CA PRO A 60 -2.36 -10.05 -7.21
C PRO A 60 -1.41 -9.65 -8.35
N TYR A 61 -1.77 -8.67 -9.15
CA TYR A 61 -0.85 -8.25 -10.28
C TYR A 61 0.54 -7.88 -9.73
N GLY A 62 0.62 -7.23 -8.59
CA GLY A 62 1.95 -6.88 -8.00
C GLY A 62 2.47 -5.54 -8.56
N PRO A 63 3.77 -5.45 -8.75
CA PRO A 63 4.38 -4.19 -9.27
C PRO A 63 4.02 -3.95 -10.75
N SER A 64 3.77 -4.99 -11.53
CA SER A 64 3.42 -4.79 -12.97
C SER A 64 1.89 -4.76 -13.13
N CYS A 65 1.23 -3.90 -12.40
CA CYS A 65 -0.26 -3.82 -12.50
C CYS A 65 -0.68 -2.88 -13.63
N TYR A 66 -1.00 -3.43 -14.79
CA TYR A 66 -1.43 -2.56 -15.95
C TYR A 66 -2.79 -1.85 -15.67
N ARG A 67 -3.53 -2.21 -14.63
CA ARG A 67 -4.84 -1.52 -14.38
C ARG A 67 -4.67 -0.43 -13.31
N LYS A 68 -5.34 0.70 -13.47
CA LYS A 68 -5.22 1.79 -12.46
C LYS A 68 -6.59 2.46 -12.24
N ASN A 69 -7.40 1.92 -11.37
CA ASN A 69 -8.75 2.53 -11.12
C ASN A 69 -8.74 3.24 -9.76
N PRO A 70 -9.80 3.97 -9.47
CA PRO A 70 -9.87 4.68 -8.16
C PRO A 70 -10.07 3.66 -7.03
N GLN A 71 -11.04 2.78 -7.14
CA GLN A 71 -11.27 1.78 -6.05
C GLN A 71 -10.19 0.64 -6.08
N HIS A 72 -9.46 0.45 -7.17
CA HIS A 72 -8.42 -0.65 -7.19
C HIS A 72 -7.17 -0.25 -6.37
N LYS A 73 -6.90 1.03 -6.21
CA LYS A 73 -5.71 1.43 -5.36
C LYS A 73 -6.13 1.36 -3.86
N ILE A 74 -7.41 1.44 -3.57
CA ILE A 74 -7.88 1.32 -2.14
C ILE A 74 -8.27 -0.14 -1.83
N GLU A 75 -8.82 -0.87 -2.79
CA GLU A 75 -9.18 -2.31 -2.49
C GLU A 75 -7.92 -3.16 -2.34
N TYR A 76 -6.91 -2.94 -3.16
CA TYR A 76 -5.66 -3.75 -3.05
C TYR A 76 -4.44 -2.81 -3.05
N ARG A 77 -3.33 -3.26 -2.50
CA ARG A 77 -2.11 -2.40 -2.50
C ARG A 77 -1.01 -3.07 -3.33
N HIS A 78 -0.04 -2.31 -3.81
CA HIS A 78 1.03 -2.93 -4.66
C HIS A 78 2.42 -2.95 -3.97
N ASN A 79 2.69 -2.10 -3.01
CA ASN A 79 4.05 -2.10 -2.37
C ASN A 79 3.98 -2.20 -0.82
N THR A 80 3.05 -1.54 -0.15
CA THR A 80 2.96 -1.60 1.34
C THR A 80 4.19 -0.94 2.00
N LEU A 81 4.25 0.38 2.00
CA LEU A 81 5.41 1.07 2.64
C LEU A 81 4.92 2.10 3.67
N PRO A 82 5.76 2.37 4.67
CA PRO A 82 5.37 3.36 5.71
C PRO A 82 5.41 4.79 5.15
N VAL A 83 4.83 5.74 5.83
CA VAL A 83 4.86 7.15 5.32
C VAL A 83 5.15 8.12 6.47
N ARG A 84 6.17 7.86 7.26
CA ARG A 84 6.51 8.78 8.41
C ARG A 84 7.76 8.28 9.18
N ASN A 85 7.85 7.00 9.48
CA ASN A 85 9.04 6.47 10.22
C ASN A 85 9.25 7.28 11.51
N VAL A 86 8.19 7.66 12.21
CA VAL A 86 8.34 8.46 13.46
C VAL A 86 9.14 9.73 13.14
N LEU A 87 8.63 10.57 12.28
CA LEU A 87 9.35 11.81 11.89
C LEU A 87 10.73 11.45 11.30
N ASP A 88 10.81 10.36 10.54
CA ASP A 88 12.13 9.95 9.95
C ASP A 88 13.22 9.91 11.04
N GLU A 89 12.90 9.41 12.23
CA GLU A 89 13.94 9.36 13.33
C GLU A 89 15.21 8.68 12.83
N GLY A 43 -2.63 16.86 8.20
CA GLY A 43 -2.28 18.11 7.46
C GLY A 43 -3.56 18.86 7.07
N GLY A 44 -3.89 18.91 5.80
CA GLY A 44 -5.13 19.63 5.38
C GLY A 44 -6.13 18.63 4.78
N VAL A 45 -6.25 18.58 3.47
CA VAL A 45 -7.21 17.63 2.84
C VAL A 45 -6.54 16.89 1.66
N GLN A 46 -5.44 16.21 1.90
CA GLN A 46 -4.75 15.49 0.78
C GLN A 46 -4.26 14.11 1.27
N ILE A 47 -3.51 13.40 0.45
CA ILE A 47 -3.01 12.06 0.89
C ILE A 47 -1.50 11.93 0.64
N VAL A 48 -0.72 12.84 1.18
CA VAL A 48 0.77 12.76 0.99
C VAL A 48 1.41 12.26 2.29
N GLY A 49 1.12 11.03 2.68
CA GLY A 49 1.69 10.49 3.94
C GLY A 49 0.57 10.41 4.98
N GLN A 50 -0.50 9.71 4.67
CA GLN A 50 -1.64 9.59 5.67
C GLN A 50 -1.14 8.93 6.96
N ASP A 51 -0.10 8.09 6.88
CA ASP A 51 0.39 7.39 8.11
C ASP A 51 -0.72 6.52 8.70
N GLU A 52 -1.55 5.92 7.85
CA GLU A 52 -2.66 5.06 8.36
C GLU A 52 -3.14 4.10 7.26
N THR A 53 -2.24 3.54 6.49
CA THR A 53 -2.65 2.59 5.42
C THR A 53 -2.49 1.14 5.91
N ASP A 54 -3.33 0.71 6.82
CA ASP A 54 -3.21 -0.69 7.34
C ASP A 54 -4.43 -1.57 6.97
N ASP A 55 -5.38 -1.09 6.18
CA ASP A 55 -6.55 -1.95 5.84
C ASP A 55 -6.48 -2.43 4.38
N ARG A 56 -5.30 -2.55 3.80
CA ARG A 56 -5.23 -3.02 2.39
C ARG A 56 -4.69 -4.47 2.33
N PRO A 57 -5.31 -5.30 1.52
CA PRO A 57 -4.87 -6.71 1.42
C PRO A 57 -3.57 -6.82 0.58
N GLU A 58 -3.63 -6.97 -0.74
CA GLU A 58 -2.38 -7.07 -1.58
C GLU A 58 -2.75 -7.39 -3.04
N CYS A 59 -2.66 -6.42 -3.95
CA CYS A 59 -3.04 -6.71 -5.38
C CYS A 59 -2.30 -7.97 -5.91
N PRO A 60 -3.01 -8.81 -6.65
CA PRO A 60 -2.37 -10.03 -7.22
C PRO A 60 -1.37 -9.64 -8.33
N TYR A 61 -1.67 -8.63 -9.13
CA TYR A 61 -0.70 -8.22 -10.20
C TYR A 61 0.65 -7.82 -9.59
N GLY A 62 0.64 -6.99 -8.56
CA GLY A 62 1.92 -6.59 -7.91
C GLY A 62 2.53 -5.37 -8.62
N PRO A 63 3.83 -5.41 -8.85
CA PRO A 63 4.52 -4.27 -9.52
C PRO A 63 4.10 -4.12 -11.00
N SER A 64 3.72 -5.19 -11.66
CA SER A 64 3.30 -5.07 -13.10
C SER A 64 1.78 -4.89 -13.22
N CYS A 65 1.20 -3.99 -12.43
CA CYS A 65 -0.28 -3.79 -12.50
C CYS A 65 -0.66 -2.79 -13.60
N TYR A 66 -1.03 -3.27 -14.77
CA TYR A 66 -1.44 -2.35 -15.89
C TYR A 66 -2.82 -1.69 -15.59
N ARG A 67 -3.57 -2.14 -14.59
CA ARG A 67 -4.90 -1.51 -14.32
C ARG A 67 -4.77 -0.34 -13.33
N LYS A 68 -5.40 0.78 -13.62
CA LYS A 68 -5.31 1.96 -12.72
C LYS A 68 -6.71 2.54 -12.48
N ASN A 69 -7.46 1.99 -11.55
CA ASN A 69 -8.83 2.52 -11.27
C ASN A 69 -8.82 3.25 -9.91
N PRO A 70 -9.90 3.94 -9.62
CA PRO A 70 -9.97 4.66 -8.33
C PRO A 70 -10.15 3.66 -7.17
N GLN A 71 -11.07 2.72 -7.29
CA GLN A 71 -11.28 1.74 -6.18
C GLN A 71 -10.19 0.63 -6.18
N HIS A 72 -9.41 0.47 -7.25
CA HIS A 72 -8.35 -0.61 -7.24
C HIS A 72 -7.15 -0.19 -6.38
N LYS A 73 -6.88 1.09 -6.23
CA LYS A 73 -5.72 1.51 -5.34
C LYS A 73 -6.18 1.47 -3.85
N ILE A 74 -7.48 1.50 -3.60
CA ILE A 74 -7.98 1.41 -2.18
C ILE A 74 -8.37 -0.06 -1.84
N GLU A 75 -8.76 -0.87 -2.79
CA GLU A 75 -9.14 -2.29 -2.45
C GLU A 75 -7.89 -3.17 -2.28
N TYR A 76 -6.85 -2.94 -3.07
CA TYR A 76 -5.63 -3.79 -2.94
C TYR A 76 -4.37 -2.90 -2.86
N ARG A 77 -3.30 -3.40 -2.28
CA ARG A 77 -2.04 -2.58 -2.21
C ARG A 77 -0.97 -3.24 -3.08
N HIS A 78 0.01 -2.49 -3.57
CA HIS A 78 1.03 -3.11 -4.47
C HIS A 78 2.42 -3.23 -3.80
N ASN A 79 2.74 -2.46 -2.78
CA ASN A 79 4.08 -2.59 -2.15
C ASN A 79 3.92 -2.89 -0.65
N THR A 80 4.48 -3.98 -0.19
CA THR A 80 4.35 -4.34 1.26
C THR A 80 5.59 -3.87 2.02
N LEU A 81 5.85 -2.58 2.03
CA LEU A 81 7.04 -2.06 2.77
C LEU A 81 6.86 -2.25 4.29
N PRO A 82 7.96 -2.21 5.03
CA PRO A 82 7.89 -2.39 6.51
C PRO A 82 7.31 -1.14 7.18
N VAL A 83 6.51 -1.31 8.22
CA VAL A 83 5.91 -0.12 8.91
C VAL A 83 5.76 -0.41 10.42
N ARG A 84 6.82 -0.81 11.09
CA ARG A 84 6.71 -1.10 12.57
C ARG A 84 8.08 -1.53 13.15
N ASN A 85 8.81 -2.40 12.49
CA ASN A 85 10.14 -2.83 13.04
C ASN A 85 11.27 -2.33 12.12
N VAL A 86 11.63 -1.07 12.20
CA VAL A 86 12.73 -0.54 11.33
C VAL A 86 14.08 -0.47 12.05
N LEU A 87 14.08 -0.45 13.36
CA LEU A 87 15.36 -0.39 14.12
C LEU A 87 15.26 -1.19 15.43
N ASP A 88 14.48 -2.26 15.45
CA ASP A 88 14.34 -3.08 16.70
C ASP A 88 14.04 -2.18 17.91
N GLU A 89 12.81 -1.73 18.08
CA GLU A 89 12.48 -0.85 19.25
C GLU A 89 11.63 -1.61 20.26
N GLY A 43 -7.06 16.87 0.45
CA GLY A 43 -5.83 17.64 0.04
C GLY A 43 -4.64 17.20 0.91
N GLY A 44 -3.43 17.59 0.54
CA GLY A 44 -2.25 17.18 1.34
C GLY A 44 -1.11 16.76 0.40
N VAL A 45 0.02 17.42 0.46
CA VAL A 45 1.15 17.03 -0.45
C VAL A 45 2.26 16.33 0.36
N GLN A 46 1.91 15.29 1.11
CA GLN A 46 2.95 14.57 1.91
C GLN A 46 2.57 13.08 2.06
N ILE A 47 3.30 12.33 2.85
CA ILE A 47 2.97 10.89 3.03
C ILE A 47 2.90 10.53 4.53
N VAL A 48 2.03 11.16 5.27
CA VAL A 48 1.92 10.85 6.73
C VAL A 48 0.53 10.27 7.03
N GLY A 49 0.15 9.21 6.35
CA GLY A 49 -1.20 8.61 6.60
C GLY A 49 -1.96 8.47 5.27
N GLN A 50 -1.86 9.45 4.38
CA GLN A 50 -2.59 9.40 3.06
C GLN A 50 -4.10 9.54 3.29
N ASP A 51 -4.73 8.57 3.94
CA ASP A 51 -6.20 8.68 4.19
C ASP A 51 -6.71 7.53 5.08
N GLU A 52 -6.00 7.23 6.17
CA GLU A 52 -6.44 6.12 7.08
C GLU A 52 -6.68 4.81 6.31
N THR A 53 -5.82 4.48 5.37
CA THR A 53 -6.00 3.20 4.61
C THR A 53 -4.67 2.46 4.49
N ASP A 54 -4.07 2.08 5.59
CA ASP A 54 -2.78 1.33 5.53
C ASP A 54 -3.01 -0.18 5.73
N ASP A 55 -4.24 -0.64 5.95
CA ASP A 55 -4.44 -2.11 6.15
C ASP A 55 -4.84 -2.83 4.83
N ARG A 56 -4.65 -2.20 3.68
CA ARG A 56 -5.03 -2.89 2.39
C ARG A 56 -4.40 -4.29 2.31
N PRO A 57 -5.12 -5.23 1.75
CA PRO A 57 -4.59 -6.61 1.65
C PRO A 57 -3.46 -6.67 0.59
N GLU A 58 -3.75 -7.00 -0.67
CA GLU A 58 -2.65 -7.05 -1.70
C GLU A 58 -3.18 -7.37 -3.10
N CYS A 59 -2.88 -6.55 -4.08
CA CYS A 59 -3.33 -6.86 -5.48
C CYS A 59 -2.50 -8.05 -6.01
N PRO A 60 -3.13 -8.94 -6.74
CA PRO A 60 -2.40 -10.11 -7.28
C PRO A 60 -1.40 -9.67 -8.36
N TYR A 61 -1.76 -8.70 -9.18
CA TYR A 61 -0.81 -8.23 -10.26
C TYR A 61 0.57 -7.88 -9.66
N GLY A 62 0.62 -7.00 -8.67
CA GLY A 62 1.93 -6.66 -8.05
C GLY A 62 2.52 -5.38 -8.67
N PRO A 63 3.83 -5.35 -8.83
CA PRO A 63 4.50 -4.15 -9.41
C PRO A 63 4.16 -3.99 -10.91
N SER A 64 3.74 -5.03 -11.59
CA SER A 64 3.37 -4.90 -13.04
C SER A 64 1.84 -4.83 -13.13
N CYS A 65 1.23 -3.89 -12.44
CA CYS A 65 -0.26 -3.79 -12.48
C CYS A 65 -0.71 -2.84 -13.61
N TYR A 66 -0.94 -3.37 -14.81
CA TYR A 66 -1.40 -2.50 -15.95
C TYR A 66 -2.74 -1.77 -15.61
N ARG A 67 -3.52 -2.24 -14.65
CA ARG A 67 -4.82 -1.55 -14.33
C ARG A 67 -4.60 -0.44 -13.29
N LYS A 68 -5.32 0.65 -13.40
CA LYS A 68 -5.16 1.76 -12.42
C LYS A 68 -6.50 2.49 -12.22
N ASN A 69 -7.35 2.00 -11.35
CA ASN A 69 -8.67 2.68 -11.15
C ASN A 69 -8.71 3.35 -9.76
N PRO A 70 -9.77 4.07 -9.49
CA PRO A 70 -9.90 4.76 -8.18
C PRO A 70 -10.22 3.76 -7.07
N GLN A 71 -11.01 2.74 -7.33
CA GLN A 71 -11.32 1.75 -6.26
C GLN A 71 -10.24 0.65 -6.23
N HIS A 72 -9.52 0.42 -7.31
CA HIS A 72 -8.47 -0.65 -7.26
C HIS A 72 -7.42 -0.26 -6.21
N LYS A 73 -6.77 0.89 -6.35
CA LYS A 73 -5.72 1.29 -5.35
C LYS A 73 -6.23 1.17 -3.91
N ILE A 74 -7.50 1.40 -3.66
CA ILE A 74 -8.00 1.26 -2.24
C ILE A 74 -8.29 -0.23 -1.95
N GLU A 75 -8.94 -0.94 -2.84
CA GLU A 75 -9.24 -2.40 -2.54
C GLU A 75 -7.95 -3.23 -2.38
N TYR A 76 -6.92 -2.99 -3.18
CA TYR A 76 -5.68 -3.82 -3.04
C TYR A 76 -4.42 -2.93 -3.05
N ARG A 77 -3.36 -3.37 -2.39
CA ARG A 77 -2.10 -2.56 -2.34
C ARG A 77 -0.96 -3.20 -3.11
N HIS A 78 -0.06 -2.38 -3.63
CA HIS A 78 1.11 -2.91 -4.37
C HIS A 78 2.36 -2.59 -3.54
N ASN A 79 2.82 -3.54 -2.73
CA ASN A 79 4.05 -3.35 -1.86
C ASN A 79 4.07 -4.38 -0.71
N THR A 80 2.92 -4.67 -0.12
CA THR A 80 2.86 -5.66 1.01
C THR A 80 3.96 -5.35 2.06
N LEU A 81 3.97 -4.17 2.63
CA LEU A 81 5.04 -3.84 3.64
C LEU A 81 4.72 -4.51 4.99
N PRO A 82 5.62 -5.36 5.48
CA PRO A 82 5.38 -6.04 6.77
C PRO A 82 5.67 -5.09 7.94
N VAL A 83 4.78 -4.98 8.91
CA VAL A 83 5.02 -4.08 10.06
C VAL A 83 4.34 -4.63 11.33
N ARG A 84 4.63 -5.86 11.70
CA ARG A 84 4.00 -6.46 12.94
C ARG A 84 4.50 -7.89 13.20
N ASN A 85 4.59 -8.73 12.19
CA ASN A 85 5.08 -10.13 12.42
C ASN A 85 6.39 -10.37 11.65
N VAL A 86 7.42 -9.61 11.94
CA VAL A 86 8.72 -9.82 11.21
C VAL A 86 9.67 -10.74 11.99
N LEU A 87 9.62 -10.71 13.29
CA LEU A 87 10.51 -11.58 14.11
C LEU A 87 9.77 -12.07 15.36
N ASP A 88 8.51 -12.44 15.23
CA ASP A 88 7.73 -12.93 16.43
C ASP A 88 7.82 -11.91 17.58
N GLU A 89 7.61 -10.65 17.30
CA GLU A 89 7.68 -9.62 18.39
C GLU A 89 6.31 -8.96 18.58
N GLY A 43 10.20 16.89 -0.71
CA GLY A 43 9.03 17.11 0.20
C GLY A 43 7.91 16.13 -0.16
N GLY A 44 6.67 16.51 -0.01
CA GLY A 44 5.54 15.58 -0.35
C GLY A 44 4.36 16.39 -0.91
N VAL A 45 4.28 16.51 -2.23
CA VAL A 45 3.14 17.27 -2.83
C VAL A 45 2.19 16.31 -3.56
N GLN A 46 1.71 15.29 -2.88
CA GLN A 46 0.78 14.32 -3.55
C GLN A 46 -0.01 13.51 -2.51
N ILE A 47 -1.05 12.81 -2.91
CA ILE A 47 -1.84 12.01 -1.93
C ILE A 47 -1.70 10.52 -2.24
N VAL A 48 -0.49 9.99 -2.20
CA VAL A 48 -0.29 8.54 -2.49
C VAL A 48 0.10 7.79 -1.20
N GLY A 49 -0.79 7.71 -0.24
CA GLY A 49 -0.47 7.00 1.04
C GLY A 49 -1.02 7.82 2.21
N GLN A 50 -0.89 9.13 2.20
CA GLN A 50 -1.40 9.99 3.32
C GLN A 50 -0.93 9.44 4.68
N ASP A 51 0.24 8.82 4.74
CA ASP A 51 0.74 8.27 6.04
C ASP A 51 -0.34 7.39 6.72
N GLU A 52 -1.14 6.69 5.95
CA GLU A 52 -2.21 5.84 6.57
C GLU A 52 -2.48 4.61 5.69
N THR A 53 -1.44 3.90 5.28
CA THR A 53 -1.65 2.69 4.43
C THR A 53 -1.42 1.41 5.25
N ASP A 54 -2.29 1.15 6.22
CA ASP A 54 -2.12 -0.09 7.05
C ASP A 54 -3.40 -0.94 7.06
N ASP A 55 -4.29 -0.79 6.09
CA ASP A 55 -5.54 -1.62 6.07
C ASP A 55 -5.79 -2.18 4.67
N ARG A 56 -4.75 -2.49 3.92
CA ARG A 56 -4.96 -3.04 2.54
C ARG A 56 -4.44 -4.48 2.46
N PRO A 57 -5.11 -5.33 1.72
CA PRO A 57 -4.66 -6.72 1.59
C PRO A 57 -3.48 -6.81 0.59
N GLU A 58 -3.72 -6.97 -0.71
CA GLU A 58 -2.58 -7.03 -1.70
C GLU A 58 -3.07 -7.36 -3.11
N CYS A 59 -2.87 -6.47 -4.07
CA CYS A 59 -3.30 -6.78 -5.49
C CYS A 59 -2.52 -8.01 -5.98
N PRO A 60 -3.20 -8.87 -6.72
CA PRO A 60 -2.52 -10.09 -7.23
C PRO A 60 -1.49 -9.69 -8.31
N TYR A 61 -1.82 -8.76 -9.18
CA TYR A 61 -0.84 -8.34 -10.26
C TYR A 61 0.54 -8.01 -9.64
N GLY A 62 0.61 -7.15 -8.65
CA GLY A 62 1.92 -6.82 -8.02
C GLY A 62 2.49 -5.52 -8.62
N PRO A 63 3.81 -5.46 -8.77
CA PRO A 63 4.46 -4.24 -9.32
C PRO A 63 4.13 -4.04 -10.81
N SER A 64 3.70 -5.07 -11.53
CA SER A 64 3.37 -4.88 -12.97
C SER A 64 1.84 -4.81 -13.11
N CYS A 65 1.21 -3.92 -12.36
CA CYS A 65 -0.27 -3.80 -12.45
C CYS A 65 -0.67 -2.84 -13.59
N TYR A 66 -0.95 -3.36 -14.77
CA TYR A 66 -1.36 -2.50 -15.93
C TYR A 66 -2.71 -1.77 -15.64
N ARG A 67 -3.50 -2.20 -14.67
CA ARG A 67 -4.80 -1.49 -14.40
C ARG A 67 -4.61 -0.38 -13.37
N LYS A 68 -5.29 0.74 -13.53
CA LYS A 68 -5.16 1.86 -12.56
C LYS A 68 -6.52 2.52 -12.33
N ASN A 69 -7.30 2.02 -11.37
CA ASN A 69 -8.64 2.63 -11.12
C ASN A 69 -8.68 3.32 -9.75
N PRO A 70 -9.76 4.04 -9.49
CA PRO A 70 -9.89 4.76 -8.20
C PRO A 70 -10.17 3.76 -7.05
N GLN A 71 -10.97 2.74 -7.29
CA GLN A 71 -11.25 1.75 -6.21
C GLN A 71 -10.22 0.59 -6.21
N HIS A 72 -9.51 0.35 -7.30
CA HIS A 72 -8.50 -0.75 -7.31
C HIS A 72 -7.25 -0.37 -6.49
N LYS A 73 -6.99 0.91 -6.27
CA LYS A 73 -5.80 1.29 -5.44
C LYS A 73 -6.19 1.26 -3.94
N ILE A 74 -7.48 1.34 -3.62
CA ILE A 74 -7.91 1.26 -2.19
C ILE A 74 -8.25 -0.20 -1.85
N GLU A 75 -8.86 -0.94 -2.76
CA GLU A 75 -9.20 -2.38 -2.44
C GLU A 75 -7.93 -3.26 -2.39
N TYR A 76 -6.89 -2.93 -3.15
CA TYR A 76 -5.67 -3.78 -3.12
C TYR A 76 -4.40 -2.90 -3.13
N ARG A 77 -3.36 -3.33 -2.42
CA ARG A 77 -2.11 -2.49 -2.35
C ARG A 77 -0.97 -3.03 -3.22
N HIS A 78 -0.13 -2.13 -3.70
CA HIS A 78 1.04 -2.53 -4.52
C HIS A 78 2.31 -2.04 -3.79
N ASN A 79 2.95 -2.90 -3.00
CA ASN A 79 4.25 -2.60 -2.25
C ASN A 79 4.22 -3.22 -0.83
N THR A 80 3.11 -3.09 -0.11
CA THR A 80 3.04 -3.65 1.29
C THR A 80 4.31 -3.28 2.09
N LEU A 81 4.57 -2.01 2.31
CA LEU A 81 5.81 -1.61 3.05
C LEU A 81 5.48 -0.73 4.27
N PRO A 82 6.43 -0.66 5.20
CA PRO A 82 6.24 0.18 6.42
C PRO A 82 6.39 1.67 6.09
N VAL A 83 6.25 2.54 7.06
CA VAL A 83 6.40 4.00 6.80
C VAL A 83 7.32 4.63 7.85
N ARG A 84 8.47 4.04 8.10
CA ARG A 84 9.42 4.60 9.13
C ARG A 84 10.67 3.72 9.27
N ASN A 85 10.53 2.40 9.32
CA ASN A 85 11.73 1.53 9.46
C ASN A 85 11.90 0.65 8.20
N VAL A 86 12.39 1.22 7.12
CA VAL A 86 12.57 0.40 5.86
C VAL A 86 14.00 -0.13 5.77
N LEU A 87 14.97 0.69 6.07
CA LEU A 87 16.39 0.25 6.00
C LEU A 87 17.29 1.15 6.86
N ASP A 88 16.84 1.54 8.04
CA ASP A 88 17.68 2.42 8.92
C ASP A 88 18.15 3.66 8.16
N GLU A 89 17.26 4.34 7.46
CA GLU A 89 17.67 5.55 6.69
C GLU A 89 16.95 6.79 7.23
N GLY A 43 -3.42 16.87 5.09
CA GLY A 43 -2.25 16.16 4.50
C GLY A 43 -1.25 17.21 3.95
N GLY A 44 -0.27 17.59 4.74
CA GLY A 44 0.72 18.59 4.25
C GLY A 44 1.97 17.87 3.73
N VAL A 45 3.08 17.94 4.45
CA VAL A 45 4.31 17.25 3.97
C VAL A 45 4.96 16.47 5.13
N GLN A 46 4.24 15.55 5.75
CA GLN A 46 4.82 14.76 6.87
C GLN A 46 4.83 13.27 6.53
N ILE A 47 5.21 12.41 7.45
CA ILE A 47 5.21 10.94 7.15
C ILE A 47 4.13 10.24 7.98
N VAL A 48 2.88 10.59 7.78
CA VAL A 48 1.78 9.92 8.56
C VAL A 48 0.97 9.02 7.61
N GLY A 49 1.59 7.99 7.08
CA GLY A 49 0.86 7.08 6.14
C GLY A 49 1.78 6.67 4.99
N GLN A 50 2.56 7.60 4.47
CA GLN A 50 3.52 7.30 3.33
C GLN A 50 2.74 6.87 2.07
N ASP A 51 2.08 5.73 2.09
CA ASP A 51 1.32 5.28 0.90
C ASP A 51 -0.13 4.89 1.27
N GLU A 52 -0.70 5.48 2.31
CA GLU A 52 -2.11 5.13 2.70
C GLU A 52 -2.30 3.61 2.81
N THR A 53 -1.40 2.92 3.50
CA THR A 53 -1.55 1.44 3.64
C THR A 53 -1.88 1.08 5.10
N ASP A 54 -3.07 1.45 5.55
CA ASP A 54 -3.46 1.12 6.98
C ASP A 54 -4.28 -0.18 7.05
N ASP A 55 -4.95 -0.56 5.99
CA ASP A 55 -5.76 -1.82 6.03
C ASP A 55 -5.93 -2.40 4.61
N ARG A 56 -4.87 -2.44 3.83
CA ARG A 56 -4.98 -2.98 2.45
C ARG A 56 -4.43 -4.41 2.39
N PRO A 57 -5.11 -5.30 1.70
CA PRO A 57 -4.62 -6.68 1.60
C PRO A 57 -3.45 -6.75 0.58
N GLU A 58 -3.69 -7.08 -0.68
CA GLU A 58 -2.54 -7.15 -1.66
C GLU A 58 -3.02 -7.49 -3.09
N CYS A 59 -2.88 -6.57 -4.03
CA CYS A 59 -3.29 -6.89 -5.45
C CYS A 59 -2.44 -8.06 -5.98
N PRO A 60 -3.06 -8.97 -6.70
CA PRO A 60 -2.30 -10.11 -7.27
C PRO A 60 -1.34 -9.63 -8.37
N TYR A 61 -1.77 -8.68 -9.19
CA TYR A 61 -0.86 -8.18 -10.29
C TYR A 61 0.53 -7.79 -9.72
N GLY A 62 0.57 -7.07 -8.61
CA GLY A 62 1.91 -6.73 -8.01
C GLY A 62 2.47 -5.43 -8.60
N PRO A 63 3.78 -5.37 -8.76
CA PRO A 63 4.43 -4.15 -9.31
C PRO A 63 4.08 -3.95 -10.80
N SER A 64 3.74 -5.00 -11.53
CA SER A 64 3.39 -4.82 -12.98
C SER A 64 1.86 -4.77 -13.12
N CYS A 65 1.21 -3.89 -12.38
CA CYS A 65 -0.27 -3.79 -12.48
C CYS A 65 -0.65 -2.83 -13.62
N TYR A 66 -0.99 -3.37 -14.77
CA TYR A 66 -1.40 -2.50 -15.93
C TYR A 66 -2.74 -1.77 -15.62
N ARG A 67 -3.52 -2.24 -14.66
CA ARG A 67 -4.82 -1.54 -14.35
C ARG A 67 -4.62 -0.46 -13.28
N LYS A 68 -5.31 0.65 -13.40
CA LYS A 68 -5.17 1.74 -12.39
C LYS A 68 -6.51 2.46 -12.20
N ASN A 69 -7.39 1.91 -11.38
CA ASN A 69 -8.71 2.58 -11.17
C ASN A 69 -8.73 3.30 -9.82
N PRO A 70 -9.81 4.01 -9.56
CA PRO A 70 -9.92 4.75 -8.28
C PRO A 70 -10.20 3.79 -7.12
N GLN A 71 -11.00 2.76 -7.34
CA GLN A 71 -11.28 1.81 -6.23
C GLN A 71 -10.21 0.69 -6.19
N HIS A 72 -9.53 0.42 -7.29
CA HIS A 72 -8.48 -0.66 -7.24
C HIS A 72 -7.40 -0.24 -6.23
N LYS A 73 -6.76 0.90 -6.41
CA LYS A 73 -5.67 1.32 -5.44
C LYS A 73 -6.15 1.24 -3.98
N ILE A 74 -7.43 1.46 -3.72
CA ILE A 74 -7.89 1.37 -2.29
C ILE A 74 -8.20 -0.09 -1.93
N GLU A 75 -8.88 -0.83 -2.78
CA GLU A 75 -9.19 -2.26 -2.42
C GLU A 75 -7.92 -3.11 -2.30
N TYR A 76 -6.94 -2.97 -3.19
CA TYR A 76 -5.70 -3.79 -3.07
C TYR A 76 -4.45 -2.90 -3.06
N ARG A 77 -3.36 -3.38 -2.49
CA ARG A 77 -2.12 -2.56 -2.44
C ARG A 77 -0.97 -3.19 -3.22
N HIS A 78 -0.14 -2.37 -3.79
CA HIS A 78 1.05 -2.88 -4.52
C HIS A 78 2.23 -2.49 -3.61
N ASN A 79 2.72 -3.43 -2.81
CA ASN A 79 3.87 -3.14 -1.85
C ASN A 79 4.03 -4.32 -0.86
N THR A 80 2.99 -4.56 -0.07
CA THR A 80 3.02 -5.65 0.96
C THR A 80 4.34 -5.60 1.75
N LEU A 81 4.59 -4.53 2.49
CA LEU A 81 5.87 -4.43 3.26
C LEU A 81 5.59 -4.42 4.77
N PRO A 82 6.58 -4.77 5.56
CA PRO A 82 6.40 -4.78 7.03
C PRO A 82 6.37 -3.37 7.59
N VAL A 83 5.34 -2.99 8.31
CA VAL A 83 5.28 -1.61 8.89
C VAL A 83 4.50 -1.62 10.19
N ARG A 84 4.78 -2.54 11.07
CA ARG A 84 4.05 -2.57 12.36
C ARG A 84 4.70 -3.52 13.38
N ASN A 85 5.06 -4.74 12.98
CA ASN A 85 5.70 -5.68 13.95
C ASN A 85 7.19 -5.86 13.60
N VAL A 86 8.04 -4.94 14.01
CA VAL A 86 9.49 -5.07 13.70
C VAL A 86 10.31 -5.06 15.00
N LEU A 87 10.25 -6.11 15.77
CA LEU A 87 11.03 -6.18 17.05
C LEU A 87 10.68 -4.99 17.96
N ASP A 88 9.42 -4.60 18.02
CA ASP A 88 9.01 -3.45 18.89
C ASP A 88 9.90 -2.22 18.63
N GLU A 89 9.51 -1.36 17.70
CA GLU A 89 10.34 -0.16 17.41
C GLU A 89 9.55 1.12 17.75
N GLY A 43 9.64 5.94 -1.83
CA GLY A 43 10.90 6.65 -1.46
C GLY A 43 11.23 7.70 -2.53
N GLY A 44 11.81 7.29 -3.64
CA GLY A 44 12.15 8.28 -4.71
C GLY A 44 10.86 8.74 -5.41
N VAL A 45 10.36 7.98 -6.35
CA VAL A 45 9.11 8.40 -7.05
C VAL A 45 8.18 7.18 -7.26
N GLN A 46 7.79 6.52 -6.19
CA GLN A 46 6.89 5.34 -6.33
C GLN A 46 5.63 5.52 -5.46
N ILE A 47 4.78 4.52 -5.38
CA ILE A 47 3.55 4.65 -4.54
C ILE A 47 3.66 3.74 -3.32
N VAL A 48 4.73 3.84 -2.57
CA VAL A 48 4.89 2.98 -1.35
C VAL A 48 4.57 3.82 -0.11
N GLY A 49 3.31 3.89 0.28
CA GLY A 49 2.94 4.70 1.46
C GLY A 49 2.50 6.08 0.97
N GLN A 50 1.40 6.16 0.24
CA GLN A 50 0.94 7.50 -0.27
C GLN A 50 0.63 8.40 0.94
N ASP A 51 -0.25 7.94 1.82
CA ASP A 51 -0.59 8.76 3.01
C ASP A 51 -1.26 7.92 4.10
N GLU A 52 -2.33 7.26 3.77
CA GLU A 52 -3.05 6.42 4.77
C GLU A 52 -3.49 5.09 4.14
N THR A 53 -2.57 4.18 3.91
CA THR A 53 -2.97 2.87 3.31
C THR A 53 -2.48 1.70 4.18
N ASP A 54 -2.95 1.60 5.39
CA ASP A 54 -2.54 0.46 6.26
C ASP A 54 -3.69 -0.55 6.37
N ASP A 55 -4.79 -0.36 5.64
CA ASP A 55 -5.91 -1.34 5.69
C ASP A 55 -6.08 -1.92 4.28
N ARG A 56 -4.99 -2.38 3.71
CA ARG A 56 -5.08 -2.95 2.33
C ARG A 56 -4.53 -4.40 2.28
N PRO A 57 -5.22 -5.27 1.56
CA PRO A 57 -4.77 -6.69 1.45
C PRO A 57 -3.49 -6.83 0.60
N GLU A 58 -3.56 -6.99 -0.71
CA GLU A 58 -2.31 -7.13 -1.56
C GLU A 58 -2.70 -7.43 -3.04
N CYS A 59 -2.62 -6.47 -3.94
CA CYS A 59 -3.01 -6.75 -5.38
C CYS A 59 -2.26 -7.98 -5.91
N PRO A 60 -2.95 -8.83 -6.66
CA PRO A 60 -2.29 -10.03 -7.23
C PRO A 60 -1.29 -9.60 -8.31
N TYR A 61 -1.64 -8.63 -9.13
CA TYR A 61 -0.69 -8.17 -10.21
C TYR A 61 0.66 -7.76 -9.60
N GLY A 62 0.65 -7.06 -8.48
CA GLY A 62 1.93 -6.65 -7.84
C GLY A 62 2.55 -5.45 -8.58
N PRO A 63 3.84 -5.53 -8.89
CA PRO A 63 4.53 -4.40 -9.57
C PRO A 63 4.05 -4.22 -11.03
N SER A 64 3.81 -5.31 -11.75
CA SER A 64 3.36 -5.16 -13.18
C SER A 64 1.83 -4.99 -13.26
N CYS A 65 1.27 -4.09 -12.49
CA CYS A 65 -0.22 -3.89 -12.53
C CYS A 65 -0.60 -2.87 -13.62
N TYR A 66 -1.02 -3.35 -14.77
CA TYR A 66 -1.43 -2.41 -15.88
C TYR A 66 -2.81 -1.73 -15.63
N ARG A 67 -3.50 -2.05 -14.55
CA ARG A 67 -4.82 -1.39 -14.29
C ARG A 67 -4.65 -0.27 -13.25
N LYS A 68 -5.38 0.83 -13.39
CA LYS A 68 -5.25 1.94 -12.41
C LYS A 68 -6.58 2.68 -12.23
N ASN A 69 -7.54 2.07 -11.55
CA ASN A 69 -8.86 2.77 -11.34
C ASN A 69 -8.88 3.39 -9.93
N PRO A 70 -9.94 4.08 -9.60
CA PRO A 70 -10.03 4.71 -8.26
C PRO A 70 -10.20 3.63 -7.17
N GLN A 71 -11.15 2.73 -7.32
CA GLN A 71 -11.36 1.69 -6.26
C GLN A 71 -10.22 0.63 -6.25
N HIS A 72 -9.47 0.47 -7.32
CA HIS A 72 -8.37 -0.57 -7.29
C HIS A 72 -7.21 -0.14 -6.37
N LYS A 73 -6.94 1.14 -6.22
CA LYS A 73 -5.83 1.55 -5.28
C LYS A 73 -6.33 1.45 -3.82
N ILE A 74 -7.63 1.48 -3.59
CA ILE A 74 -8.16 1.35 -2.19
C ILE A 74 -8.51 -0.11 -1.88
N GLU A 75 -8.92 -0.91 -2.86
CA GLU A 75 -9.27 -2.34 -2.53
C GLU A 75 -7.99 -3.15 -2.25
N TYR A 76 -6.96 -3.03 -3.08
CA TYR A 76 -5.71 -3.82 -2.84
C TYR A 76 -4.50 -2.87 -2.80
N ARG A 77 -3.33 -3.34 -2.39
CA ARG A 77 -2.12 -2.48 -2.40
C ARG A 77 -1.02 -3.18 -3.22
N HIS A 78 -0.01 -2.47 -3.66
CA HIS A 78 1.06 -3.13 -4.45
C HIS A 78 2.38 -3.21 -3.66
N ASN A 79 2.51 -2.56 -2.51
CA ASN A 79 3.79 -2.61 -1.75
C ASN A 79 3.54 -2.91 -0.25
N THR A 80 4.21 -3.87 0.32
CA THR A 80 4.00 -4.18 1.76
C THR A 80 5.12 -3.57 2.61
N LEU A 81 5.17 -2.25 2.65
CA LEU A 81 6.23 -1.57 3.48
C LEU A 81 5.60 -0.97 4.75
N PRO A 82 6.39 -0.86 5.81
CA PRO A 82 5.86 -0.31 7.10
C PRO A 82 5.66 1.21 7.02
N VAL A 83 4.70 1.75 7.74
CA VAL A 83 4.46 3.23 7.71
C VAL A 83 3.88 3.71 9.06
N ARG A 84 4.54 3.44 10.15
CA ARG A 84 4.03 3.91 11.49
C ARG A 84 4.97 3.52 12.65
N ASN A 85 5.51 2.31 12.67
CA ASN A 85 6.43 1.93 13.79
C ASN A 85 7.89 2.04 13.33
N VAL A 86 8.49 3.20 13.44
CA VAL A 86 9.92 3.35 13.01
C VAL A 86 10.89 3.16 14.18
N LEU A 87 10.50 3.56 15.36
CA LEU A 87 11.39 3.40 16.55
C LEU A 87 10.59 2.86 17.75
N ASP A 88 9.67 1.95 17.52
CA ASP A 88 8.85 1.38 18.65
C ASP A 88 8.23 2.51 19.50
N GLU A 89 7.66 3.52 18.88
CA GLU A 89 7.04 4.63 19.66
C GLU A 89 5.55 4.75 19.33
N GLY A 43 9.92 20.56 15.16
CA GLY A 43 9.11 21.78 14.87
C GLY A 43 7.81 21.74 15.68
N GLY A 44 6.95 20.78 15.44
CA GLY A 44 5.68 20.70 16.21
C GLY A 44 4.54 20.31 15.26
N VAL A 45 3.83 19.22 15.54
CA VAL A 45 2.71 18.80 14.67
C VAL A 45 3.15 18.72 13.19
N GLN A 46 3.55 17.56 12.73
CA GLN A 46 3.99 17.42 11.31
C GLN A 46 3.39 16.17 10.68
N ILE A 47 3.79 15.82 9.47
CA ILE A 47 3.24 14.60 8.81
C ILE A 47 4.37 13.73 8.27
N VAL A 48 5.22 13.20 9.13
CA VAL A 48 6.33 12.32 8.64
C VAL A 48 5.92 10.85 8.80
N GLY A 49 4.95 10.41 8.03
CA GLY A 49 4.49 8.99 8.14
C GLY A 49 3.17 8.95 8.91
N GLN A 50 2.17 9.71 8.49
CA GLN A 50 0.86 9.69 9.23
C GLN A 50 0.26 8.27 9.33
N ASP A 51 0.68 7.31 8.51
CA ASP A 51 0.13 5.91 8.59
C ASP A 51 -1.34 5.88 8.16
N GLU A 52 -1.61 5.89 6.87
CA GLU A 52 -3.03 5.86 6.40
C GLU A 52 -3.26 4.66 5.46
N THR A 53 -2.67 3.52 5.75
CA THR A 53 -2.88 2.32 4.87
C THR A 53 -2.80 1.03 5.69
N ASP A 54 -3.54 0.94 6.77
CA ASP A 54 -3.49 -0.31 7.58
C ASP A 54 -4.62 -1.27 7.19
N ASP A 55 -5.41 -0.96 6.17
CA ASP A 55 -6.54 -1.88 5.82
C ASP A 55 -6.41 -2.51 4.42
N ARG A 56 -5.38 -2.21 3.65
CA ARG A 56 -5.30 -2.82 2.27
C ARG A 56 -4.64 -4.21 2.35
N PRO A 57 -5.15 -5.16 1.58
CA PRO A 57 -4.57 -6.52 1.60
C PRO A 57 -3.40 -6.60 0.58
N GLU A 58 -3.64 -6.99 -0.68
CA GLU A 58 -2.49 -7.06 -1.65
C GLU A 58 -2.96 -7.44 -3.08
N CYS A 59 -2.83 -6.53 -4.03
CA CYS A 59 -3.25 -6.86 -5.44
C CYS A 59 -2.41 -8.06 -5.96
N PRO A 60 -3.06 -8.96 -6.68
CA PRO A 60 -2.34 -10.13 -7.25
C PRO A 60 -1.40 -9.68 -8.39
N TYR A 61 -1.83 -8.73 -9.21
CA TYR A 61 -0.94 -8.25 -10.34
C TYR A 61 0.48 -7.92 -9.81
N GLY A 62 0.58 -7.20 -8.71
CA GLY A 62 1.93 -6.89 -8.14
C GLY A 62 2.47 -5.56 -8.70
N PRO A 63 3.78 -5.48 -8.83
CA PRO A 63 4.42 -4.23 -9.35
C PRO A 63 4.09 -3.98 -10.83
N SER A 64 3.66 -5.00 -11.57
CA SER A 64 3.31 -4.77 -13.00
C SER A 64 1.78 -4.69 -13.15
N CYS A 65 1.13 -3.89 -12.32
CA CYS A 65 -0.36 -3.78 -12.42
C CYS A 65 -0.75 -2.81 -13.54
N TYR A 66 -0.98 -3.31 -14.73
CA TYR A 66 -1.40 -2.40 -15.87
C TYR A 66 -2.71 -1.65 -15.51
N ARG A 67 -3.53 -2.17 -14.61
CA ARG A 67 -4.81 -1.45 -14.28
C ARG A 67 -4.58 -0.44 -13.13
N LYS A 68 -5.27 0.67 -13.15
CA LYS A 68 -5.11 1.68 -12.07
C LYS A 68 -6.44 1.84 -11.33
N ASN A 69 -7.44 2.45 -11.96
CA ASN A 69 -8.78 2.62 -11.30
C ASN A 69 -8.68 3.33 -9.93
N PRO A 70 -9.76 3.99 -9.54
CA PRO A 70 -9.76 4.70 -8.25
C PRO A 70 -10.04 3.76 -7.07
N GLN A 71 -10.93 2.79 -7.24
CA GLN A 71 -11.22 1.85 -6.11
C GLN A 71 -10.23 0.67 -6.11
N HIS A 72 -9.58 0.36 -7.22
CA HIS A 72 -8.61 -0.78 -7.19
C HIS A 72 -7.47 -0.42 -6.22
N LYS A 73 -6.78 0.68 -6.43
CA LYS A 73 -5.63 1.03 -5.50
C LYS A 73 -6.06 0.98 -4.03
N ILE A 74 -7.29 1.32 -3.72
CA ILE A 74 -7.71 1.25 -2.28
C ILE A 74 -8.07 -0.21 -1.94
N GLU A 75 -8.79 -0.90 -2.81
CA GLU A 75 -9.15 -2.33 -2.49
C GLU A 75 -7.89 -3.21 -2.42
N TYR A 76 -6.88 -2.96 -3.24
CA TYR A 76 -5.66 -3.81 -3.18
C TYR A 76 -4.40 -2.93 -3.19
N ARG A 77 -3.35 -3.35 -2.52
CA ARG A 77 -2.12 -2.52 -2.44
C ARG A 77 -0.93 -3.10 -3.21
N HIS A 78 -0.13 -2.23 -3.76
CA HIS A 78 1.11 -2.65 -4.45
C HIS A 78 2.21 -2.03 -3.58
N ASN A 79 2.81 -2.81 -2.68
CA ASN A 79 3.87 -2.26 -1.74
C ASN A 79 4.24 -3.32 -0.68
N THR A 80 3.22 -3.90 -0.06
CA THR A 80 3.43 -4.93 1.02
C THR A 80 4.56 -4.50 1.98
N LEU A 81 4.44 -3.34 2.63
CA LEU A 81 5.52 -2.90 3.58
C LEU A 81 5.19 -3.41 5.00
N PRO A 82 6.11 -3.22 5.93
CA PRO A 82 5.89 -3.67 7.32
C PRO A 82 4.81 -2.84 8.02
N VAL A 83 4.14 -3.39 9.02
CA VAL A 83 3.08 -2.61 9.74
C VAL A 83 2.96 -3.10 11.20
N ARG A 84 4.04 -3.11 11.95
CA ARG A 84 3.97 -3.58 13.38
C ARG A 84 5.32 -3.43 14.10
N ASN A 85 6.43 -3.78 13.48
CA ASN A 85 7.75 -3.64 14.18
C ASN A 85 8.54 -2.49 13.58
N VAL A 86 8.15 -1.25 13.85
CA VAL A 86 8.90 -0.08 13.29
C VAL A 86 9.00 1.07 14.32
N LEU A 87 8.89 0.77 15.60
CA LEU A 87 8.99 1.85 16.66
C LEU A 87 8.85 1.21 18.06
N ASP A 88 9.50 0.09 18.30
CA ASP A 88 9.41 -0.59 19.63
C ASP A 88 7.94 -0.69 20.10
N GLU A 89 7.10 -1.42 19.38
CA GLU A 89 5.68 -1.55 19.80
C GLU A 89 5.35 -3.00 20.14
N GLY A 43 -0.10 14.66 -4.71
CA GLY A 43 0.04 13.93 -6.00
C GLY A 43 -1.18 14.20 -6.88
N GLY A 44 -0.99 14.76 -8.06
CA GLY A 44 -2.15 15.05 -8.95
C GLY A 44 -2.85 13.73 -9.34
N VAL A 45 -2.45 13.13 -10.44
CA VAL A 45 -3.10 11.84 -10.86
C VAL A 45 -2.04 10.73 -10.95
N GLN A 46 -1.37 10.41 -9.87
CA GLN A 46 -0.32 9.34 -9.91
C GLN A 46 -0.33 8.55 -8.60
N ILE A 47 0.51 7.53 -8.49
CA ILE A 47 0.55 6.73 -7.22
C ILE A 47 1.99 6.67 -6.69
N VAL A 48 2.62 7.81 -6.49
CA VAL A 48 4.01 7.81 -5.96
C VAL A 48 3.99 8.23 -4.48
N GLY A 49 3.73 7.29 -3.58
CA GLY A 49 3.67 7.64 -2.14
C GLY A 49 2.22 7.97 -1.77
N GLN A 50 1.31 7.02 -1.91
CA GLN A 50 -0.13 7.31 -1.56
C GLN A 50 -0.22 7.82 -0.10
N ASP A 51 0.69 7.40 0.77
CA ASP A 51 0.64 7.84 2.20
C ASP A 51 -0.70 7.40 2.83
N GLU A 52 -1.22 6.26 2.44
CA GLU A 52 -2.52 5.80 3.03
C GLU A 52 -2.70 4.28 2.85
N THR A 53 -1.64 3.50 2.99
CA THR A 53 -1.78 2.03 2.81
C THR A 53 -1.58 1.29 4.13
N ASP A 54 -2.44 1.50 5.10
CA ASP A 54 -2.31 0.80 6.41
C ASP A 54 -3.32 -0.38 6.52
N ASP A 55 -4.42 -0.34 5.80
CA ASP A 55 -5.40 -1.46 5.87
C ASP A 55 -5.59 -2.01 4.46
N ARG A 56 -4.54 -2.53 3.85
CA ARG A 56 -4.66 -3.07 2.47
C ARG A 56 -4.20 -4.55 2.39
N PRO A 57 -4.95 -5.37 1.67
CA PRO A 57 -4.60 -6.80 1.55
C PRO A 57 -3.35 -7.05 0.67
N GLU A 58 -3.47 -7.08 -0.66
CA GLU A 58 -2.27 -7.32 -1.57
C GLU A 58 -2.76 -7.60 -3.01
N CYS A 59 -2.71 -6.62 -3.88
CA CYS A 59 -3.20 -6.83 -5.30
C CYS A 59 -2.51 -8.06 -5.94
N PRO A 60 -3.27 -8.79 -6.75
CA PRO A 60 -2.69 -9.96 -7.45
C PRO A 60 -1.74 -9.48 -8.57
N TYR A 61 -2.16 -8.51 -9.39
CA TYR A 61 -1.25 -8.01 -10.50
C TYR A 61 0.18 -7.75 -9.96
N GLY A 62 0.33 -7.34 -8.70
CA GLY A 62 1.68 -7.12 -8.11
C GLY A 62 2.24 -5.75 -8.50
N PRO A 63 3.56 -5.66 -8.54
CA PRO A 63 4.22 -4.37 -8.90
C PRO A 63 3.94 -4.01 -10.37
N SER A 64 3.86 -4.99 -11.25
CA SER A 64 3.57 -4.68 -12.69
C SER A 64 2.05 -4.71 -12.89
N CYS A 65 1.35 -3.81 -12.23
CA CYS A 65 -0.14 -3.76 -12.40
C CYS A 65 -0.48 -2.91 -13.61
N TYR A 66 -0.72 -3.54 -14.74
CA TYR A 66 -1.06 -2.77 -15.99
C TYR A 66 -2.50 -2.26 -15.90
N ARG A 67 -2.79 -1.40 -14.94
CA ARG A 67 -4.17 -0.84 -14.86
C ARG A 67 -4.26 0.33 -13.87
N LYS A 68 -5.37 1.06 -13.90
CA LYS A 68 -5.53 2.23 -12.98
C LYS A 68 -7.02 2.47 -12.67
N ASN A 69 -7.51 1.94 -11.57
CA ASN A 69 -8.96 2.15 -11.23
C ASN A 69 -9.08 2.97 -9.94
N PRO A 70 -10.22 3.59 -9.74
CA PRO A 70 -10.41 4.40 -8.52
C PRO A 70 -10.50 3.49 -7.28
N GLN A 71 -11.35 2.49 -7.30
CA GLN A 71 -11.46 1.57 -6.13
C GLN A 71 -10.29 0.57 -6.09
N HIS A 72 -9.56 0.36 -7.19
CA HIS A 72 -8.44 -0.63 -7.16
C HIS A 72 -7.32 -0.15 -6.22
N LYS A 73 -6.87 1.09 -6.33
CA LYS A 73 -5.76 1.57 -5.40
C LYS A 73 -6.24 1.61 -3.93
N ILE A 74 -7.55 1.64 -3.68
CA ILE A 74 -8.03 1.65 -2.25
C ILE A 74 -8.35 0.21 -1.79
N GLU A 75 -8.78 -0.69 -2.68
CA GLU A 75 -9.09 -2.08 -2.22
C GLU A 75 -7.80 -2.89 -1.97
N TYR A 76 -6.84 -2.88 -2.88
CA TYR A 76 -5.58 -3.66 -2.65
C TYR A 76 -4.36 -2.73 -2.66
N ARG A 77 -3.20 -3.25 -2.36
CA ARG A 77 -1.96 -2.42 -2.39
C ARG A 77 -0.92 -3.18 -3.22
N HIS A 78 0.12 -2.53 -3.69
CA HIS A 78 1.13 -3.26 -4.55
C HIS A 78 2.54 -3.30 -3.94
N ASN A 79 2.77 -2.82 -2.73
CA ASN A 79 4.16 -2.88 -2.17
C ASN A 79 4.25 -3.97 -1.09
N THR A 80 3.37 -3.97 -0.11
CA THR A 80 3.41 -5.00 0.97
C THR A 80 4.78 -4.96 1.66
N LEU A 81 4.95 -4.06 2.61
CA LEU A 81 6.27 -3.97 3.33
C LEU A 81 6.13 -4.45 4.78
N PRO A 82 7.22 -4.94 5.34
CA PRO A 82 7.20 -5.43 6.73
C PRO A 82 7.15 -4.24 7.72
N VAL A 83 6.40 -4.35 8.79
CA VAL A 83 6.34 -3.23 9.77
C VAL A 83 6.76 -3.72 11.16
N ARG A 84 7.85 -4.45 11.24
CA ARG A 84 8.31 -4.98 12.56
C ARG A 84 7.19 -5.79 13.22
N ASN A 85 6.76 -6.86 12.59
CA ASN A 85 5.66 -7.68 13.18
C ASN A 85 6.21 -9.03 13.68
N VAL A 86 7.05 -9.02 14.70
CA VAL A 86 7.61 -10.31 15.23
C VAL A 86 7.67 -10.30 16.78
N LEU A 87 6.88 -9.47 17.43
CA LEU A 87 6.89 -9.43 18.94
C LEU A 87 5.82 -8.44 19.44
N ASP A 88 4.64 -8.46 18.85
CA ASP A 88 3.56 -7.51 19.27
C ASP A 88 4.09 -6.07 19.39
N GLU A 89 4.73 -5.56 18.35
CA GLU A 89 5.27 -4.16 18.43
C GLU A 89 4.59 -3.28 17.37
#